data_4QS9
#
_entry.id   4QS9
#
_cell.length_a   44.781
_cell.length_b   93.128
_cell.length_c   101.797
_cell.angle_alpha   90.00
_cell.angle_beta   90.00
_cell.angle_gamma   90.00
#
_symmetry.space_group_name_H-M   'P 21 21 21'
#
loop_
_entity.id
_entity.type
_entity.pdbx_description
1 polymer Hexokinase-1
2 non-polymer beta-D-glucopyranose
3 water water
#
_entity_poly.entity_id   1
_entity_poly.type   'polypeptide(L)'
_entity_poly.pdbx_seq_one_letter_code
;MHHHHHHSSGKWGRVLAILKAFEEDCATPISKLRQVADAMTVEMHAGLASDGGSKLKMLISYVDNLPSGDEKGLFYALDL
GGTNFRVMRVLLGGKQERVVKQEFEEVSIPPHLMTGGSDELFNFIAEALAKFVATECEDFHLPEGRQRELGFTFAFPVKQ
TSLSSGSLIKWTKGFSIEEAVGQDVVGALNKALERVGLDMRIAALVNDTVGTLAGGRYYNPDVVAAVILGTGTNAAYVER
ATAIPKWHGLLPKSGEMVINMEWGNFRSSHLPLTEFDHTLDFESLNPGEQILEKIISGMYLGEILRRVLLKMAEDAAFFG
DTVPSKLRIPFIIRTPHMSAMHNDTSPDLKIVGSKIKDILEVPTTSLKMRKVVISLCNIIATRGARLSAAGIYGILKKLG
RDTTKDEEVQKSVIAMDGGLFEHYTQFSECMESSLKELLGDEASGSVEVTHSNDGSGIGAALLAASHSLYLEDS
;
_entity_poly.pdbx_strand_id   A
#
loop_
_chem_comp.id
_chem_comp.type
_chem_comp.name
_chem_comp.formula
BGC D-saccharide, beta linking beta-D-glucopyranose 'C6 H12 O6'
#
# COMPACT_ATOMS: atom_id res chain seq x y z
N TRP A 12 -34.81 -11.93 7.87
CA TRP A 12 -34.21 -11.08 6.87
C TRP A 12 -35.13 -10.91 5.67
N GLY A 13 -36.15 -10.06 5.80
CA GLY A 13 -36.53 -9.43 7.05
C GLY A 13 -36.29 -7.94 7.23
N ARG A 14 -36.29 -7.17 6.13
CA ARG A 14 -35.94 -5.72 6.09
C ARG A 14 -34.44 -5.45 6.25
N VAL A 15 -33.72 -6.50 6.62
CA VAL A 15 -32.28 -6.56 6.48
C VAL A 15 -31.96 -6.36 5.00
N LEU A 16 -32.85 -6.86 4.15
CA LEU A 16 -32.73 -6.77 2.70
C LEU A 16 -32.80 -5.32 2.18
N ALA A 17 -33.57 -4.47 2.86
CA ALA A 17 -33.69 -3.08 2.44
C ALA A 17 -32.35 -2.36 2.58
N ILE A 18 -31.68 -2.60 3.70
CA ILE A 18 -30.38 -2.01 3.96
C ILE A 18 -29.36 -2.57 2.99
N LEU A 19 -29.43 -3.89 2.79
CA LEU A 19 -28.59 -4.57 1.81
C LEU A 19 -28.75 -3.96 0.41
N LYS A 20 -29.99 -3.79 -0.01
CA LYS A 20 -30.30 -3.24 -1.33
C LYS A 20 -29.71 -1.85 -1.50
N ALA A 21 -29.94 -1.00 -0.51
CA ALA A 21 -29.43 0.37 -0.53
C ALA A 21 -27.91 0.40 -0.64
N PHE A 22 -27.24 -0.36 0.23
CA PHE A 22 -25.78 -0.38 0.29
C PHE A 22 -25.19 -0.83 -1.04
N GLU A 23 -25.80 -1.85 -1.63
CA GLU A 23 -25.34 -2.39 -2.89
C GLU A 23 -25.44 -1.32 -3.99
N GLU A 24 -26.57 -0.62 -4.01
CA GLU A 24 -26.81 0.46 -4.95
C GLU A 24 -25.90 1.66 -4.72
N ASP A 25 -25.67 2.02 -3.46
CA ASP A 25 -24.82 3.16 -3.15
C ASP A 25 -23.34 2.87 -3.42
N CYS A 26 -22.98 1.60 -3.45
CA CYS A 26 -21.60 1.16 -3.68
C CYS A 26 -21.28 0.88 -5.13
N ALA A 27 -22.31 0.88 -5.97
CA ALA A 27 -22.19 0.50 -7.37
C ALA A 27 -21.08 1.26 -8.09
N THR A 28 -20.31 0.55 -8.91
CA THR A 28 -19.31 1.19 -9.76
C THR A 28 -19.46 0.74 -11.20
N PRO A 29 -20.52 1.20 -11.88
CA PRO A 29 -20.63 0.88 -13.31
C PRO A 29 -19.46 1.52 -14.05
N ILE A 30 -19.22 1.10 -15.28
CA ILE A 30 -18.04 1.56 -16.02
C ILE A 30 -18.00 3.07 -16.19
N SER A 31 -19.17 3.67 -16.45
CA SER A 31 -19.26 5.13 -16.61
C SER A 31 -18.65 5.84 -15.40
N LYS A 32 -18.97 5.33 -14.20
CA LYS A 32 -18.44 5.90 -12.97
C LYS A 32 -16.93 5.69 -12.81
N LEU A 33 -16.44 4.53 -13.24
CA LEU A 33 -15.01 4.27 -13.19
C LEU A 33 -14.28 5.23 -14.12
N ARG A 34 -14.87 5.53 -15.27
N ARG A 34 -14.87 5.53 -15.27
CA ARG A 34 -14.28 6.47 -16.21
CA ARG A 34 -14.26 6.47 -16.21
C ARG A 34 -14.24 7.87 -15.63
C ARG A 34 -14.25 7.88 -15.64
N GLN A 35 -15.30 8.25 -14.91
CA GLN A 35 -15.33 9.54 -14.23
C GLN A 35 -14.25 9.62 -13.15
N VAL A 36 -14.08 8.53 -12.41
CA VAL A 36 -13.08 8.46 -11.35
C VAL A 36 -11.66 8.55 -11.89
N ALA A 37 -11.40 7.78 -12.94
CA ALA A 37 -10.09 7.82 -13.59
C ALA A 37 -9.78 9.22 -14.10
N ASP A 38 -10.77 9.86 -14.73
CA ASP A 38 -10.60 11.22 -15.23
C ASP A 38 -10.30 12.22 -14.11
N ALA A 39 -11.05 12.12 -13.02
CA ALA A 39 -10.79 12.96 -11.85
C ALA A 39 -9.39 12.74 -11.28
N MET A 40 -8.93 11.49 -11.30
CA MET A 40 -7.60 11.14 -10.83
C MET A 40 -6.52 11.80 -11.69
N THR A 41 -6.61 11.63 -13.00
CA THR A 41 -5.67 12.25 -13.94
C THR A 41 -5.62 13.78 -13.76
N VAL A 42 -6.77 14.37 -13.48
CA VAL A 42 -6.82 15.82 -13.23
C VAL A 42 -6.07 16.19 -11.96
N GLU A 43 -6.24 15.40 -10.90
CA GLU A 43 -5.55 15.68 -9.64
C GLU A 43 -4.06 15.46 -9.73
N MET A 44 -3.64 14.51 -10.55
CA MET A 44 -2.21 14.30 -10.81
C MET A 44 -1.58 15.56 -11.39
N HIS A 45 -2.24 16.17 -12.36
CA HIS A 45 -1.73 17.41 -12.94
C HIS A 45 -1.71 18.53 -11.92
N ALA A 46 -2.78 18.62 -11.14
CA ALA A 46 -2.87 19.66 -10.12
C ALA A 46 -1.79 19.45 -9.06
N GLY A 47 -1.60 18.19 -8.64
CA GLY A 47 -0.62 17.85 -7.63
C GLY A 47 0.82 18.07 -8.06
N LEU A 48 1.07 17.91 -9.36
CA LEU A 48 2.42 18.13 -9.91
C LEU A 48 2.71 19.61 -10.18
N ALA A 49 1.66 20.42 -10.31
CA ALA A 49 1.82 21.81 -10.70
C ALA A 49 2.09 22.72 -9.51
N SER A 50 1.74 22.25 -8.32
CA SER A 50 1.85 23.08 -7.12
C SER A 50 1.83 22.21 -5.88
N ASP A 51 2.68 22.55 -4.90
CA ASP A 51 2.85 21.72 -3.69
C ASP A 51 1.56 21.47 -2.91
N GLY A 52 0.67 22.45 -2.87
CA GLY A 52 -0.58 22.27 -2.13
C GLY A 52 -1.83 22.33 -2.99
N GLY A 53 -1.70 22.04 -4.27
CA GLY A 53 -2.82 22.21 -5.19
C GLY A 53 -3.79 21.05 -5.31
N SER A 54 -3.53 19.95 -4.60
CA SER A 54 -4.38 18.76 -4.73
C SER A 54 -4.37 17.85 -3.49
N LYS A 55 -5.41 17.02 -3.35
CA LYS A 55 -5.41 15.96 -2.35
C LYS A 55 -4.28 14.98 -2.66
N LEU A 56 -3.95 14.89 -3.95
CA LEU A 56 -2.79 14.09 -4.39
C LEU A 56 -1.52 14.91 -4.21
N LYS A 57 -0.68 14.51 -3.26
CA LYS A 57 0.55 15.25 -2.99
C LYS A 57 1.59 15.07 -4.10
N MET A 58 1.54 13.94 -4.81
CA MET A 58 2.44 13.68 -5.94
C MET A 58 3.89 13.97 -5.54
N LEU A 59 4.37 13.23 -4.54
CA LEU A 59 5.67 13.48 -3.95
C LEU A 59 6.83 13.07 -4.86
N ILE A 60 7.80 13.97 -5.01
CA ILE A 60 9.03 13.69 -5.75
C ILE A 60 9.91 12.81 -4.87
N SER A 61 10.40 11.72 -5.45
CA SER A 61 11.12 10.68 -4.71
C SER A 61 12.64 10.86 -4.72
N TYR A 62 13.11 11.69 -5.64
CA TYR A 62 14.54 11.81 -5.96
C TYR A 62 15.15 10.55 -6.60
N VAL A 63 14.31 9.61 -7.04
CA VAL A 63 14.75 8.48 -7.85
C VAL A 63 14.64 8.84 -9.34
N ASP A 64 15.76 9.16 -9.98
CA ASP A 64 15.73 9.52 -11.41
C ASP A 64 16.26 8.38 -12.30
N ASN A 65 16.91 7.41 -11.66
N ASN A 65 16.92 7.41 -11.65
CA ASN A 65 17.38 6.20 -12.33
CA ASN A 65 17.39 6.21 -12.33
C ASN A 65 16.86 4.95 -11.62
C ASN A 65 16.88 4.95 -11.63
N LEU A 66 16.23 4.08 -12.39
CA LEU A 66 15.71 2.83 -11.85
C LEU A 66 16.74 1.73 -12.11
N PRO A 67 16.65 0.62 -11.34
CA PRO A 67 17.59 -0.50 -11.49
C PRO A 67 17.68 -1.06 -12.91
N SER A 68 18.90 -1.40 -13.32
CA SER A 68 19.16 -1.88 -14.68
C SER A 68 19.38 -3.39 -14.71
N GLY A 69 19.87 -3.92 -13.60
CA GLY A 69 20.09 -5.35 -13.48
C GLY A 69 21.54 -5.70 -13.26
N ASP A 70 22.42 -4.71 -13.33
CA ASP A 70 23.86 -4.97 -13.21
C ASP A 70 24.39 -4.64 -11.82
N GLU A 71 23.49 -4.28 -10.91
CA GLU A 71 23.87 -3.95 -9.55
C GLU A 71 24.60 -5.11 -8.87
N LYS A 72 25.59 -4.78 -8.04
CA LYS A 72 26.43 -5.79 -7.40
C LYS A 72 26.84 -5.37 -5.98
N GLY A 73 26.95 -6.34 -5.09
CA GLY A 73 27.41 -6.07 -3.74
C GLY A 73 26.49 -6.56 -2.64
N LEU A 74 26.87 -6.26 -1.39
CA LEU A 74 26.11 -6.65 -0.22
C LEU A 74 25.31 -5.47 0.30
N PHE A 75 24.01 -5.66 0.50
CA PHE A 75 23.15 -4.56 0.91
C PHE A 75 22.09 -4.96 1.93
N TYR A 76 21.85 -4.08 2.89
CA TYR A 76 20.80 -4.30 3.88
C TYR A 76 19.59 -3.49 3.47
N ALA A 77 18.42 -3.90 3.95
CA ALA A 77 17.21 -3.11 3.73
C ALA A 77 16.30 -3.19 4.94
N LEU A 78 15.72 -2.04 5.29
CA LEU A 78 14.75 -1.93 6.37
C LEU A 78 13.40 -1.72 5.71
N ASP A 79 12.34 -2.24 6.31
CA ASP A 79 11.00 -2.04 5.76
C ASP A 79 9.98 -1.84 6.87
N LEU A 80 9.50 -0.61 7.05
CA LEU A 80 8.48 -0.33 8.06
C LEU A 80 7.12 -0.11 7.40
N GLY A 81 6.21 -1.04 7.62
CA GLY A 81 4.87 -0.95 7.10
C GLY A 81 3.88 -0.59 8.18
N GLY A 82 2.59 -0.75 7.89
CA GLY A 82 1.54 -0.44 8.85
C GLY A 82 1.44 -1.43 10.00
N THR A 83 1.72 -2.71 9.74
CA THR A 83 1.57 -3.74 10.78
C THR A 83 2.79 -4.64 10.95
N ASN A 84 3.71 -4.59 10.00
CA ASN A 84 4.88 -5.44 10.06
C ASN A 84 6.17 -4.68 9.78
N PHE A 85 7.24 -5.13 10.40
CA PHE A 85 8.55 -4.56 10.18
C PHE A 85 9.45 -5.64 9.62
N ARG A 86 10.31 -5.29 8.68
CA ARG A 86 11.18 -6.30 8.09
C ARG A 86 12.63 -5.85 7.98
N VAL A 87 13.54 -6.78 8.26
CA VAL A 87 14.97 -6.57 8.06
C VAL A 87 15.48 -7.61 7.08
N MET A 88 16.30 -7.19 6.14
CA MET A 88 16.80 -8.11 5.13
C MET A 88 18.20 -7.71 4.66
N ARG A 89 18.95 -8.67 4.13
CA ARG A 89 20.20 -8.37 3.46
C ARG A 89 20.28 -9.23 2.21
N VAL A 90 20.87 -8.70 1.14
N VAL A 90 20.92 -8.71 1.16
CA VAL A 90 21.02 -9.47 -0.11
CA VAL A 90 20.99 -9.43 -0.11
C VAL A 90 22.40 -9.36 -0.73
C VAL A 90 22.36 -9.32 -0.80
N LEU A 91 22.77 -10.41 -1.46
CA LEU A 91 23.97 -10.41 -2.28
C LEU A 91 23.52 -10.29 -3.73
N LEU A 92 23.94 -9.23 -4.41
CA LEU A 92 23.58 -9.02 -5.80
C LEU A 92 24.78 -9.34 -6.69
N GLY A 93 24.58 -10.16 -7.71
CA GLY A 93 25.70 -10.62 -8.52
C GLY A 93 25.75 -10.21 -9.99
N GLY A 94 25.06 -9.12 -10.33
CA GLY A 94 25.13 -8.61 -11.70
C GLY A 94 23.97 -9.01 -12.59
N LYS A 95 24.19 -8.91 -13.90
CA LYS A 95 23.15 -9.11 -14.91
C LYS A 95 22.64 -10.56 -14.99
N GLN A 96 23.54 -11.52 -14.90
CA GLN A 96 23.17 -12.93 -15.01
C GLN A 96 22.79 -13.55 -13.66
N GLU A 97 23.57 -13.24 -12.63
CA GLU A 97 23.36 -13.82 -11.31
C GLU A 97 22.18 -13.20 -10.57
N ARG A 98 22.01 -11.89 -10.73
CA ARG A 98 20.94 -11.14 -10.07
C ARG A 98 21.00 -11.32 -8.55
N VAL A 99 19.86 -11.59 -7.93
CA VAL A 99 19.84 -11.96 -6.51
C VAL A 99 20.49 -13.32 -6.31
N VAL A 100 21.74 -13.32 -5.83
CA VAL A 100 22.44 -14.57 -5.55
C VAL A 100 21.88 -15.22 -4.29
N LYS A 101 21.71 -14.42 -3.25
CA LYS A 101 21.33 -14.94 -1.95
C LYS A 101 20.64 -13.86 -1.13
N GLN A 102 19.68 -14.27 -0.30
CA GLN A 102 18.85 -13.35 0.43
C GLN A 102 18.45 -13.94 1.79
N GLU A 103 18.50 -13.11 2.83
CA GLU A 103 18.02 -13.51 4.15
C GLU A 103 17.22 -12.37 4.74
N PHE A 104 16.21 -12.70 5.54
CA PHE A 104 15.34 -11.67 6.09
C PHE A 104 14.62 -12.19 7.33
N GLU A 105 14.20 -11.27 8.19
CA GLU A 105 13.36 -11.63 9.32
C GLU A 105 12.20 -10.64 9.38
N GLU A 106 11.04 -11.12 9.82
CA GLU A 106 9.84 -10.28 9.88
C GLU A 106 9.33 -10.24 11.31
N VAL A 107 8.95 -9.05 11.77
CA VAL A 107 8.47 -8.90 13.13
C VAL A 107 7.16 -8.12 13.07
N SER A 108 6.17 -8.59 13.81
CA SER A 108 4.91 -7.88 13.93
C SER A 108 5.20 -6.68 14.81
N ILE A 109 4.66 -5.50 14.45
N ILE A 109 4.66 -5.51 14.46
CA ILE A 109 4.87 -4.30 15.25
CA ILE A 109 4.87 -4.31 15.27
C ILE A 109 3.93 -4.25 16.45
C ILE A 109 3.92 -4.25 16.47
N PRO A 110 4.50 -4.11 17.67
CA PRO A 110 3.67 -3.96 18.86
C PRO A 110 2.81 -2.71 18.72
N PRO A 111 1.48 -2.86 18.84
CA PRO A 111 0.50 -1.80 18.58
C PRO A 111 0.78 -0.52 19.37
N HIS A 112 1.30 -0.64 20.59
CA HIS A 112 1.57 0.54 21.40
C HIS A 112 2.61 1.46 20.78
N LEU A 113 3.49 0.90 19.95
CA LEU A 113 4.52 1.69 19.28
C LEU A 113 3.94 2.64 18.23
N MET A 114 2.73 2.34 17.76
CA MET A 114 2.11 3.09 16.68
C MET A 114 1.64 4.47 17.12
N THR A 115 1.41 4.63 18.42
CA THR A 115 0.90 5.89 18.97
C THR A 115 1.72 6.40 20.16
N GLY A 116 2.90 5.82 20.36
CA GLY A 116 3.80 6.27 21.42
C GLY A 116 4.70 7.41 20.98
N GLY A 117 5.98 7.33 21.36
CA GLY A 117 6.94 8.35 20.99
C GLY A 117 7.83 7.97 19.82
N SER A 118 8.48 8.98 19.24
CA SER A 118 9.33 8.76 18.07
C SER A 118 10.55 7.91 18.39
N ASP A 119 11.28 8.28 19.44
CA ASP A 119 12.48 7.55 19.85
C ASP A 119 12.23 6.05 20.03
N GLU A 120 11.15 5.71 20.72
CA GLU A 120 10.86 4.30 20.98
C GLU A 120 10.52 3.53 19.70
N LEU A 121 9.89 4.21 18.73
CA LEU A 121 9.62 3.56 17.44
C LEU A 121 10.94 3.25 16.74
N PHE A 122 11.84 4.22 16.72
CA PHE A 122 13.11 4.04 16.03
C PHE A 122 14.09 3.15 16.79
N ASN A 123 13.96 3.09 18.11
CA ASN A 123 14.74 2.14 18.90
C ASN A 123 14.32 0.72 18.54
N PHE A 124 13.01 0.51 18.36
CA PHE A 124 12.47 -0.78 17.98
C PHE A 124 13.14 -1.25 16.68
N ILE A 125 13.16 -0.36 15.70
CA ILE A 125 13.80 -0.63 14.42
C ILE A 125 15.31 -0.91 14.55
N ALA A 126 16.03 -0.03 15.24
CA ALA A 126 17.48 -0.16 15.41
C ALA A 126 17.88 -1.42 16.19
N GLU A 127 17.12 -1.77 17.21
CA GLU A 127 17.44 -2.91 18.04
C GLU A 127 17.23 -4.24 17.30
N ALA A 128 16.16 -4.31 16.52
CA ALA A 128 15.94 -5.48 15.66
C ALA A 128 17.03 -5.60 14.58
N LEU A 129 17.37 -4.49 13.94
CA LEU A 129 18.45 -4.49 12.96
C LEU A 129 19.79 -4.96 13.57
N ALA A 130 20.09 -4.48 14.78
CA ALA A 130 21.32 -4.88 15.46
C ALA A 130 21.37 -6.39 15.69
N LYS A 131 20.23 -6.97 16.07
CA LYS A 131 20.13 -8.40 16.29
C LYS A 131 20.35 -9.18 15.00
N PHE A 132 19.77 -8.67 13.92
CA PHE A 132 19.93 -9.26 12.59
C PHE A 132 21.40 -9.22 12.16
N VAL A 133 22.00 -8.04 12.26
CA VAL A 133 23.40 -7.84 11.93
C VAL A 133 24.31 -8.87 12.62
N ALA A 134 23.98 -9.22 13.86
CA ALA A 134 24.80 -10.15 14.64
C ALA A 134 24.80 -11.57 14.07
N THR A 135 23.80 -11.89 13.25
CA THR A 135 23.71 -13.23 12.67
C THR A 135 24.42 -13.32 11.32
N GLU A 136 24.95 -12.18 10.87
CA GLU A 136 25.71 -12.13 9.63
C GLU A 136 26.89 -13.09 9.62
N CYS A 137 26.99 -13.90 8.58
CA CYS A 137 28.11 -14.85 8.46
C CYS A 137 28.25 -15.34 7.02
N GLU A 138 29.28 -16.16 6.80
CA GLU A 138 29.54 -16.81 5.50
C GLU A 138 29.57 -15.82 4.33
N ASP A 139 28.68 -16.01 3.36
CA ASP A 139 28.66 -15.15 2.18
C ASP A 139 28.25 -13.72 2.47
N PHE A 140 27.57 -13.51 3.60
CA PHE A 140 27.13 -12.17 3.99
C PHE A 140 28.15 -11.44 4.84
N HIS A 141 29.25 -12.10 5.15
CA HIS A 141 30.35 -11.45 5.88
C HIS A 141 30.73 -10.13 5.21
N LEU A 142 30.82 -9.08 6.00
CA LEU A 142 31.25 -7.76 5.51
C LEU A 142 32.72 -7.82 5.09
N PRO A 143 33.00 -7.59 3.80
CA PRO A 143 34.38 -7.69 3.30
C PRO A 143 35.25 -6.57 3.85
N GLU A 144 36.57 -6.66 3.68
CA GLU A 144 37.50 -5.58 4.04
C GLU A 144 37.24 -5.11 5.53
N GLY A 145 37.36 -3.84 5.97
CA GLY A 145 37.74 -2.62 5.27
C GLY A 145 36.54 -1.87 4.71
N ARG A 146 35.34 -2.28 5.13
CA ARG A 146 34.10 -1.69 4.61
C ARG A 146 33.08 -1.33 5.67
N GLN A 147 32.00 -0.70 5.21
CA GLN A 147 30.90 -0.27 6.06
C GLN A 147 29.64 -0.81 5.43
N ARG A 148 28.64 -1.14 6.25
CA ARG A 148 27.37 -1.65 5.72
C ARG A 148 26.53 -0.54 5.11
N GLU A 149 25.92 -0.83 3.97
CA GLU A 149 25.05 0.13 3.30
C GLU A 149 23.61 -0.33 3.29
N LEU A 150 22.70 0.60 3.59
CA LEU A 150 21.32 0.23 3.88
C LEU A 150 20.33 0.99 3.01
N GLY A 151 19.25 0.31 2.61
CA GLY A 151 18.14 0.95 1.97
C GLY A 151 16.95 0.90 2.91
N PHE A 152 16.23 2.01 3.04
CA PHE A 152 15.16 2.12 4.02
C PHE A 152 13.78 2.33 3.36
N THR A 153 12.94 1.30 3.37
CA THR A 153 11.55 1.47 2.91
C THR A 153 10.65 1.89 4.08
N PHE A 154 9.96 3.02 3.90
CA PHE A 154 9.16 3.67 4.93
C PHE A 154 7.78 3.98 4.37
N ALA A 155 6.77 3.23 4.79
CA ALA A 155 5.49 3.24 4.09
C ALA A 155 4.53 4.37 4.51
N PHE A 156 5.04 5.59 4.59
CA PHE A 156 4.26 6.75 5.01
C PHE A 156 4.71 7.98 4.20
N PRO A 157 3.86 9.04 4.12
CA PRO A 157 4.17 10.17 3.24
C PRO A 157 5.37 10.99 3.73
N VAL A 158 6.32 11.25 2.83
CA VAL A 158 7.54 11.95 3.20
C VAL A 158 7.83 13.09 2.25
N LYS A 159 8.19 14.24 2.80
CA LYS A 159 8.68 15.35 2.00
C LYS A 159 10.16 15.11 1.75
N GLN A 160 10.46 14.46 0.62
CA GLN A 160 11.83 14.07 0.29
C GLN A 160 12.71 15.30 0.02
N THR A 161 13.93 15.29 0.56
CA THR A 161 14.88 16.38 0.33
C THR A 161 16.06 15.89 -0.51
N SER A 162 16.29 14.58 -0.48
CA SER A 162 17.32 13.93 -1.28
C SER A 162 16.97 12.45 -1.36
N LEU A 163 17.76 11.67 -2.10
CA LEU A 163 17.49 10.24 -2.19
C LEU A 163 17.55 9.59 -0.81
N SER A 164 18.39 10.14 0.06
CA SER A 164 18.65 9.56 1.37
C SER A 164 18.11 10.40 2.54
N SER A 165 17.15 11.28 2.28
CA SER A 165 16.63 12.12 3.36
C SER A 165 15.25 12.70 3.06
N GLY A 166 14.51 13.04 4.12
CA GLY A 166 13.19 13.62 3.99
C GLY A 166 12.47 13.70 5.33
N SER A 167 11.50 14.60 5.44
CA SER A 167 10.74 14.76 6.68
C SER A 167 9.34 14.12 6.60
N LEU A 168 8.88 13.56 7.71
CA LEU A 168 7.55 12.95 7.76
C LEU A 168 6.47 14.01 7.58
N ILE A 169 5.54 13.76 6.66
CA ILE A 169 4.44 14.70 6.42
C ILE A 169 3.28 14.47 7.38
N LYS A 170 2.81 13.24 7.44
CA LYS A 170 1.74 12.87 8.35
C LYS A 170 1.74 11.36 8.51
N TRP A 171 1.02 10.85 9.49
CA TRP A 171 0.87 9.41 9.63
C TRP A 171 -0.41 8.93 8.97
N THR A 172 -0.44 7.64 8.62
CA THR A 172 -1.62 7.00 8.06
C THR A 172 -1.73 5.64 8.74
N LYS A 173 -2.73 4.84 8.36
CA LYS A 173 -2.85 3.46 8.81
C LYS A 173 -2.80 3.25 10.34
N GLY A 174 -3.36 4.17 11.11
CA GLY A 174 -3.48 3.98 12.54
C GLY A 174 -2.27 4.40 13.34
N PHE A 175 -1.22 4.87 12.66
CA PHE A 175 -0.09 5.46 13.36
C PHE A 175 -0.47 6.86 13.78
N SER A 176 0.06 7.30 14.91
CA SER A 176 -0.18 8.65 15.44
C SER A 176 0.91 9.04 16.42
N ILE A 177 2.07 9.38 15.89
CA ILE A 177 3.18 9.89 16.68
C ILE A 177 3.43 11.31 16.23
N GLU A 178 2.74 12.26 16.87
CA GLU A 178 2.78 13.66 16.45
C GLU A 178 4.20 14.24 16.57
N GLU A 179 4.96 13.73 17.54
CA GLU A 179 6.35 14.12 17.76
C GLU A 179 7.18 14.02 16.49
N ALA A 180 6.82 13.08 15.63
CA ALA A 180 7.62 12.75 14.46
C ALA A 180 7.25 13.57 13.21
N VAL A 181 6.05 14.16 13.19
CA VAL A 181 5.63 14.99 12.06
C VAL A 181 6.60 16.16 11.85
N GLY A 182 7.11 16.29 10.63
CA GLY A 182 8.04 17.36 10.31
C GLY A 182 9.49 17.02 10.60
N GLN A 183 9.72 15.91 11.27
CA GLN A 183 11.08 15.52 11.64
C GLN A 183 11.71 14.60 10.59
N ASP A 184 13.03 14.66 10.43
CA ASP A 184 13.70 13.86 9.41
C ASP A 184 13.75 12.38 9.79
N VAL A 185 13.24 11.53 8.89
CA VAL A 185 13.13 10.10 9.15
C VAL A 185 14.48 9.40 9.24
N VAL A 186 15.42 9.83 8.40
CA VAL A 186 16.74 9.21 8.38
C VAL A 186 17.58 9.67 9.57
N GLY A 187 17.45 10.95 9.93
CA GLY A 187 18.06 11.47 11.14
C GLY A 187 17.56 10.75 12.39
N ALA A 188 16.27 10.43 12.42
CA ALA A 188 15.70 9.73 13.56
C ALA A 188 16.27 8.32 13.66
N LEU A 189 16.29 7.61 12.53
CA LEU A 189 16.87 6.27 12.50
C LEU A 189 18.35 6.32 12.85
N ASN A 190 19.04 7.33 12.33
CA ASN A 190 20.46 7.51 12.60
C ASN A 190 20.77 7.68 14.08
N LYS A 191 19.89 8.36 14.81
CA LYS A 191 20.07 8.53 16.24
C LYS A 191 19.79 7.22 16.98
N ALA A 192 18.81 6.47 16.47
CA ALA A 192 18.51 5.17 17.05
C ALA A 192 19.66 4.20 16.80
N LEU A 193 20.30 4.31 15.63
CA LEU A 193 21.45 3.47 15.32
C LEU A 193 22.65 3.82 16.23
N GLU A 194 22.78 5.09 16.57
CA GLU A 194 23.84 5.51 17.49
C GLU A 194 23.65 4.94 18.88
N ARG A 195 22.40 4.83 19.32
CA ARG A 195 22.10 4.35 20.67
C ARG A 195 22.44 2.87 20.85
N VAL A 196 22.38 2.09 19.77
CA VAL A 196 22.73 0.68 19.83
C VAL A 196 24.16 0.42 19.35
N GLY A 197 24.86 1.48 18.98
CA GLY A 197 26.24 1.36 18.55
C GLY A 197 26.39 0.59 17.25
N LEU A 198 25.44 0.78 16.35
CA LEU A 198 25.51 0.15 15.03
C LEU A 198 25.86 1.18 13.97
N ASP A 199 26.96 0.94 13.25
CA ASP A 199 27.39 1.84 12.19
C ASP A 199 26.74 1.39 10.88
N MET A 200 25.93 2.27 10.30
CA MET A 200 25.18 1.96 9.09
C MET A 200 25.02 3.19 8.19
N ARG A 201 25.38 3.05 6.92
CA ARG A 201 25.21 4.11 5.95
C ARG A 201 23.85 3.98 5.27
N ILE A 202 22.96 4.94 5.48
CA ILE A 202 21.67 4.89 4.84
C ILE A 202 21.80 5.54 3.47
N ALA A 203 21.77 4.71 2.43
CA ALA A 203 22.03 5.15 1.07
C ALA A 203 20.75 5.58 0.33
N ALA A 204 19.61 5.18 0.85
CA ALA A 204 18.32 5.44 0.21
C ALA A 204 17.16 5.37 1.18
N LEU A 205 16.21 6.29 1.01
CA LEU A 205 14.98 6.30 1.79
C LEU A 205 13.85 6.33 0.78
N VAL A 206 13.00 5.32 0.79
CA VAL A 206 11.93 5.26 -0.21
C VAL A 206 10.59 4.90 0.39
N ASN A 207 9.53 5.37 -0.25
CA ASN A 207 8.18 4.90 0.04
C ASN A 207 8.09 3.47 -0.48
N ASP A 208 7.16 2.67 0.07
CA ASP A 208 7.01 1.28 -0.37
C ASP A 208 6.55 1.10 -1.83
N THR A 209 5.81 2.07 -2.36
CA THR A 209 5.44 2.04 -3.79
C THR A 209 6.67 2.22 -4.67
N VAL A 210 7.58 3.08 -4.22
CA VAL A 210 8.81 3.35 -4.97
C VAL A 210 9.73 2.13 -5.02
N GLY A 211 9.91 1.47 -3.87
CA GLY A 211 10.70 0.25 -3.80
C GLY A 211 10.12 -0.87 -4.64
N THR A 212 8.80 -1.04 -4.56
CA THR A 212 8.10 -2.02 -5.41
C THR A 212 8.35 -1.73 -6.89
N LEU A 213 8.34 -0.45 -7.24
N LEU A 213 8.34 -0.45 -7.26
CA LEU A 213 8.56 -0.02 -8.63
CA LEU A 213 8.56 -0.08 -8.66
C LEU A 213 9.98 -0.34 -9.08
C LEU A 213 9.99 -0.39 -9.06
N ALA A 214 10.95 -0.06 -8.21
CA ALA A 214 12.35 -0.32 -8.51
C ALA A 214 12.58 -1.82 -8.62
N GLY A 215 12.02 -2.59 -7.69
CA GLY A 215 12.17 -4.03 -7.70
C GLY A 215 11.53 -4.66 -8.93
N GLY A 216 10.40 -4.12 -9.36
CA GLY A 216 9.69 -4.67 -10.50
C GLY A 216 10.37 -4.34 -11.81
N ARG A 217 10.92 -3.13 -11.89
CA ARG A 217 11.61 -2.67 -13.10
C ARG A 217 12.93 -3.43 -13.28
N TYR A 218 13.52 -3.81 -12.17
CA TYR A 218 14.74 -4.62 -12.14
C TYR A 218 14.53 -5.93 -12.91
N TYR A 219 13.36 -6.54 -12.74
CA TYR A 219 13.07 -7.79 -13.42
C TYR A 219 12.37 -7.61 -14.77
N ASN A 220 11.83 -6.42 -15.01
CA ASN A 220 11.06 -6.16 -16.23
C ASN A 220 11.19 -4.70 -16.65
N PRO A 221 11.98 -4.45 -17.71
CA PRO A 221 12.27 -3.10 -18.22
C PRO A 221 11.01 -2.29 -18.52
N ASP A 222 9.90 -2.98 -18.79
CA ASP A 222 8.66 -2.33 -19.20
C ASP A 222 7.80 -1.85 -18.04
N VAL A 223 8.24 -2.10 -16.82
CA VAL A 223 7.52 -1.61 -15.65
C VAL A 223 7.54 -0.08 -15.66
N VAL A 224 6.37 0.52 -15.49
N VAL A 224 6.37 0.53 -15.52
CA VAL A 224 6.23 1.98 -15.57
CA VAL A 224 6.25 1.99 -15.55
C VAL A 224 5.54 2.51 -14.32
C VAL A 224 5.61 2.51 -14.27
N ALA A 225 4.94 1.62 -13.56
CA ALA A 225 4.20 1.97 -12.35
C ALA A 225 4.17 0.82 -11.34
N ALA A 226 3.93 1.16 -10.08
CA ALA A 226 3.71 0.18 -9.02
C ALA A 226 2.47 0.56 -8.24
N VAL A 227 1.68 -0.43 -7.84
CA VAL A 227 0.50 -0.18 -7.03
C VAL A 227 0.52 -1.10 -5.82
N ILE A 228 0.29 -0.53 -4.64
N ILE A 228 0.31 -0.55 -4.64
CA ILE A 228 0.17 -1.30 -3.41
CA ILE A 228 0.20 -1.37 -3.45
C ILE A 228 -1.29 -1.42 -3.02
C ILE A 228 -1.24 -1.43 -2.95
N LEU A 229 -1.74 -2.66 -2.82
CA LEU A 229 -3.08 -2.91 -2.32
C LEU A 229 -2.91 -3.87 -1.15
N GLY A 230 -2.60 -3.31 0.02
CA GLY A 230 -2.38 -4.09 1.23
C GLY A 230 -3.07 -3.45 2.42
N THR A 231 -2.34 -3.28 3.51
CA THR A 231 -2.91 -2.65 4.70
C THR A 231 -3.39 -1.26 4.33
N GLY A 232 -2.55 -0.53 3.59
CA GLY A 232 -2.95 0.73 3.01
C GLY A 232 -2.95 0.60 1.50
N THR A 233 -3.19 1.69 0.80
CA THR A 233 -3.09 1.67 -0.66
C THR A 233 -2.41 2.93 -1.20
N ASN A 234 -1.66 2.76 -2.27
CA ASN A 234 -0.89 3.87 -2.84
C ASN A 234 -0.34 3.44 -4.19
N ALA A 235 0.23 4.38 -4.93
CA ALA A 235 0.83 4.09 -6.22
C ALA A 235 2.02 5.00 -6.51
N ALA A 236 2.92 4.52 -7.35
CA ALA A 236 4.05 5.31 -7.81
C ALA A 236 4.17 5.12 -9.30
N TYR A 237 4.73 6.11 -9.99
CA TYR A 237 4.94 5.94 -11.41
C TYR A 237 6.11 6.78 -11.91
N VAL A 238 6.60 6.48 -13.10
N VAL A 238 6.57 6.48 -13.11
CA VAL A 238 7.71 7.23 -13.67
CA VAL A 238 7.67 7.25 -13.69
C VAL A 238 7.19 8.41 -14.50
C VAL A 238 7.16 8.43 -14.52
N GLU A 239 7.43 9.63 -14.02
CA GLU A 239 6.97 10.84 -14.71
C GLU A 239 8.13 11.56 -15.40
N ARG A 240 7.83 12.26 -16.49
CA ARG A 240 8.81 13.09 -17.16
C ARG A 240 9.11 14.31 -16.30
N ALA A 241 10.39 14.65 -16.16
CA ALA A 241 10.82 15.80 -15.37
C ALA A 241 10.16 17.12 -15.82
N THR A 242 9.95 17.28 -17.12
CA THR A 242 9.33 18.49 -17.66
C THR A 242 7.85 18.61 -17.26
N ALA A 243 7.23 17.50 -16.93
CA ALA A 243 5.81 17.48 -16.53
C ALA A 243 5.63 17.68 -15.04
N ILE A 244 6.66 18.20 -14.37
CA ILE A 244 6.58 18.51 -12.94
C ILE A 244 6.93 19.97 -12.72
N PRO A 245 5.97 20.87 -12.95
CA PRO A 245 6.27 22.32 -12.94
C PRO A 245 6.59 22.87 -11.55
N LYS A 246 6.16 22.17 -10.49
CA LYS A 246 6.41 22.63 -9.13
C LYS A 246 7.86 22.43 -8.67
N TRP A 247 8.61 21.58 -9.36
CA TRP A 247 9.92 21.15 -8.88
C TRP A 247 11.07 21.33 -9.88
N HIS A 248 12.14 21.99 -9.44
CA HIS A 248 13.31 22.23 -10.29
C HIS A 248 14.63 22.19 -9.50
N GLY A 249 14.67 21.37 -8.46
CA GLY A 249 15.83 21.31 -7.59
C GLY A 249 16.89 20.32 -8.08
N LEU A 250 16.73 19.85 -9.30
CA LEU A 250 17.65 18.91 -9.93
C LEU A 250 17.29 18.77 -11.38
N LEU A 251 18.31 18.64 -12.24
CA LEU A 251 18.07 18.45 -13.67
C LEU A 251 18.51 17.05 -14.07
N PRO A 252 17.61 16.06 -13.92
CA PRO A 252 18.01 14.67 -14.16
C PRO A 252 18.34 14.42 -15.62
N LYS A 253 19.48 13.77 -15.85
N LYS A 253 19.49 13.79 -15.87
CA LYS A 253 19.95 13.45 -17.20
CA LYS A 253 19.90 13.51 -17.24
C LYS A 253 19.00 12.48 -17.88
C LYS A 253 18.96 12.50 -17.89
N SER A 254 18.34 11.66 -17.07
CA SER A 254 17.39 10.67 -17.56
C SER A 254 16.15 11.36 -18.11
N GLY A 255 15.84 12.54 -17.55
CA GLY A 255 14.64 13.26 -17.91
C GLY A 255 13.41 12.68 -17.22
N GLU A 256 13.66 11.85 -16.21
CA GLU A 256 12.60 11.13 -15.53
C GLU A 256 12.67 11.34 -14.04
N MET A 257 11.53 11.14 -13.37
CA MET A 257 11.48 11.21 -11.92
C MET A 257 10.29 10.38 -11.44
N VAL A 258 10.54 9.50 -10.47
CA VAL A 258 9.51 8.66 -9.93
C VAL A 258 8.66 9.46 -8.94
N ILE A 259 7.35 9.36 -9.07
CA ILE A 259 6.44 10.11 -8.22
C ILE A 259 5.76 9.15 -7.25
N ASN A 260 5.66 9.55 -5.98
CA ASN A 260 4.82 8.85 -5.02
C ASN A 260 3.49 9.61 -4.92
N MET A 261 2.43 9.04 -5.49
CA MET A 261 1.17 9.76 -5.61
C MET A 261 0.51 10.04 -4.26
N GLU A 262 0.65 9.11 -3.32
CA GLU A 262 -0.15 9.10 -2.08
C GLU A 262 -1.62 9.20 -2.45
N TRP A 263 -2.06 8.27 -3.30
CA TRP A 263 -3.42 8.29 -3.84
C TRP A 263 -4.45 7.85 -2.82
N GLY A 264 -3.98 7.32 -1.70
CA GLY A 264 -4.87 6.94 -0.61
C GLY A 264 -5.69 8.12 -0.16
N ASN A 265 -5.13 9.32 -0.32
CA ASN A 265 -5.76 10.55 0.12
C ASN A 265 -6.72 11.13 -0.92
N PHE A 266 -6.80 10.52 -2.10
CA PHE A 266 -7.65 11.02 -3.18
C PHE A 266 -9.10 11.14 -2.72
N ARG A 267 -9.79 12.17 -3.19
CA ARG A 267 -11.21 12.31 -2.94
C ARG A 267 -11.84 12.94 -4.18
N SER A 268 -13.09 12.55 -4.43
CA SER A 268 -13.84 13.03 -5.59
C SER A 268 -15.33 12.81 -5.35
N SER A 269 -16.17 13.66 -5.92
CA SER A 269 -17.62 13.50 -5.74
C SER A 269 -18.10 12.23 -6.44
N HIS A 270 -17.27 11.69 -7.33
CA HIS A 270 -17.62 10.48 -8.07
C HIS A 270 -17.36 9.21 -7.24
N LEU A 271 -16.75 9.37 -6.07
CA LEU A 271 -16.55 8.21 -5.19
C LEU A 271 -17.87 7.78 -4.56
N PRO A 272 -18.23 6.49 -4.75
CA PRO A 272 -19.49 5.93 -4.25
C PRO A 272 -19.44 5.69 -2.74
N LEU A 273 -19.61 6.76 -1.97
CA LEU A 273 -19.55 6.68 -0.51
C LEU A 273 -20.93 6.41 0.10
N THR A 274 -20.94 5.78 1.28
CA THR A 274 -22.17 5.45 1.98
C THR A 274 -22.13 6.01 3.39
N GLU A 275 -23.25 5.98 4.11
CA GLU A 275 -23.27 6.45 5.49
C GLU A 275 -22.24 5.72 6.34
N PHE A 276 -21.95 4.48 5.97
CA PHE A 276 -21.00 3.67 6.74
C PHE A 276 -19.56 4.15 6.56
N ASP A 277 -19.18 4.45 5.33
CA ASP A 277 -17.86 5.05 5.06
C ASP A 277 -17.74 6.39 5.78
N HIS A 278 -18.85 7.12 5.86
CA HIS A 278 -18.90 8.40 6.57
C HIS A 278 -18.67 8.25 8.07
N THR A 279 -19.29 7.25 8.69
CA THR A 279 -19.12 7.06 10.13
C THR A 279 -17.74 6.53 10.48
N LEU A 280 -17.20 5.65 9.63
CA LEU A 280 -15.82 5.18 9.75
C LEU A 280 -14.89 6.38 9.75
N ASP A 281 -15.08 7.28 8.79
CA ASP A 281 -14.21 8.44 8.62
C ASP A 281 -14.29 9.40 9.81
N PHE A 282 -15.52 9.74 10.20
CA PHE A 282 -15.78 10.70 11.27
C PHE A 282 -15.24 10.21 12.61
N GLU A 283 -15.18 8.89 12.78
CA GLU A 283 -14.71 8.29 14.02
C GLU A 283 -13.25 7.83 13.93
N SER A 284 -12.61 8.10 12.80
CA SER A 284 -11.24 7.65 12.58
C SER A 284 -10.22 8.52 13.31
N LEU A 285 -8.94 8.15 13.18
CA LEU A 285 -7.84 8.89 13.80
C LEU A 285 -7.46 10.07 12.93
N ASN A 286 -7.85 9.98 11.65
CA ASN A 286 -7.51 10.99 10.66
C ASN A 286 -8.72 11.41 9.83
N PRO A 287 -9.73 12.01 10.47
CA PRO A 287 -10.99 12.30 9.76
C PRO A 287 -10.80 13.24 8.58
N GLY A 288 -11.32 12.85 7.42
CA GLY A 288 -11.23 13.68 6.22
C GLY A 288 -10.01 13.33 5.39
N GLU A 289 -9.14 12.50 5.95
CA GLU A 289 -7.92 12.11 5.24
C GLU A 289 -8.01 10.66 4.80
N GLN A 290 -7.26 10.31 3.77
CA GLN A 290 -7.22 8.94 3.22
C GLN A 290 -8.61 8.41 2.87
N ILE A 291 -9.45 9.28 2.30
CA ILE A 291 -10.80 8.88 1.90
C ILE A 291 -10.82 7.69 0.95
N LEU A 292 -10.00 7.72 -0.11
CA LEU A 292 -9.99 6.61 -1.07
C LEU A 292 -9.38 5.33 -0.47
N GLU A 293 -8.40 5.51 0.40
CA GLU A 293 -7.78 4.38 1.07
C GLU A 293 -8.80 3.65 1.96
N LYS A 294 -9.69 4.42 2.57
CA LYS A 294 -10.68 3.88 3.51
C LYS A 294 -11.80 3.07 2.85
N ILE A 295 -11.89 3.09 1.52
CA ILE A 295 -12.86 2.23 0.86
C ILE A 295 -12.19 1.14 0.04
N ILE A 296 -10.87 1.19 -0.03
CA ILE A 296 -10.10 0.21 -0.79
C ILE A 296 -9.25 -0.77 0.05
N SER A 297 -8.54 -0.29 1.07
CA SER A 297 -7.45 -1.07 1.66
C SER A 297 -7.87 -2.11 2.71
N GLY A 298 -7.01 -3.11 2.92
CA GLY A 298 -7.28 -4.20 3.84
C GLY A 298 -7.51 -3.77 5.28
N MET A 299 -6.96 -2.62 5.65
CA MET A 299 -7.21 -2.06 6.98
C MET A 299 -8.69 -1.77 7.20
N TYR A 300 -9.39 -1.36 6.15
CA TYR A 300 -10.73 -0.84 6.33
C TYR A 300 -11.89 -1.71 5.84
N LEU A 301 -11.62 -2.62 4.92
CA LEU A 301 -12.68 -3.40 4.28
C LEU A 301 -13.53 -4.15 5.29
N GLY A 302 -12.89 -4.77 6.28
CA GLY A 302 -13.60 -5.54 7.30
C GLY A 302 -14.42 -4.64 8.20
N GLU A 303 -13.89 -3.45 8.44
CA GLU A 303 -14.51 -2.46 9.30
C GLU A 303 -15.76 -1.88 8.65
N ILE A 304 -15.76 -1.79 7.33
CA ILE A 304 -16.96 -1.37 6.62
C ILE A 304 -18.02 -2.43 6.81
N LEU A 305 -17.64 -3.70 6.60
CA LEU A 305 -18.53 -4.85 6.83
C LEU A 305 -19.12 -4.79 8.23
N ARG A 306 -18.26 -4.50 9.21
CA ARG A 306 -18.68 -4.45 10.61
C ARG A 306 -19.78 -3.41 10.83
N ARG A 307 -19.63 -2.25 10.20
CA ARG A 307 -20.60 -1.16 10.37
C ARG A 307 -21.96 -1.44 9.73
N VAL A 308 -21.96 -2.17 8.61
CA VAL A 308 -23.21 -2.59 7.99
C VAL A 308 -23.93 -3.62 8.87
N LEU A 309 -23.21 -4.66 9.28
CA LEU A 309 -23.78 -5.68 10.17
C LEU A 309 -24.31 -5.10 11.49
N LEU A 310 -23.63 -4.08 12.03
CA LEU A 310 -24.08 -3.42 13.25
C LEU A 310 -25.37 -2.67 13.00
N LYS A 311 -25.46 -2.03 11.84
CA LYS A 311 -26.66 -1.32 11.41
C LYS A 311 -27.83 -2.29 11.33
N MET A 312 -27.62 -3.47 10.75
CA MET A 312 -28.68 -4.47 10.65
C MET A 312 -29.02 -5.06 12.03
N ALA A 313 -28.02 -5.11 12.91
CA ALA A 313 -28.25 -5.66 14.24
C ALA A 313 -29.17 -4.77 15.08
N GLU A 314 -28.97 -3.46 15.02
CA GLU A 314 -29.73 -2.55 15.87
C GLU A 314 -31.06 -2.04 15.29
N ASP A 315 -31.25 -2.15 13.98
CA ASP A 315 -32.49 -1.65 13.37
C ASP A 315 -33.34 -2.74 12.71
N ALA A 316 -32.75 -3.91 12.49
CA ALA A 316 -33.48 -4.99 11.84
C ALA A 316 -33.33 -6.30 12.61
N ALA A 317 -32.78 -6.21 13.82
CA ALA A 317 -32.58 -7.36 14.69
C ALA A 317 -31.91 -8.53 13.98
N PHE A 318 -30.84 -8.23 13.25
CA PHE A 318 -30.13 -9.24 12.47
C PHE A 318 -29.67 -10.38 13.37
N PHE A 319 -29.15 -10.02 14.54
CA PHE A 319 -28.65 -11.00 15.50
C PHE A 319 -29.60 -11.17 16.69
N GLY A 320 -30.90 -11.05 16.46
CA GLY A 320 -31.86 -11.16 17.55
C GLY A 320 -32.12 -9.82 18.22
N ASP A 321 -32.76 -9.88 19.38
CA ASP A 321 -33.14 -8.67 20.11
C ASP A 321 -31.94 -7.96 20.71
N THR A 322 -30.91 -8.72 21.05
CA THR A 322 -29.72 -8.13 21.68
C THR A 322 -28.54 -8.06 20.70
N VAL A 323 -28.08 -6.84 20.42
CA VAL A 323 -26.88 -6.65 19.61
C VAL A 323 -25.68 -7.27 20.32
N PRO A 324 -24.98 -8.19 19.64
CA PRO A 324 -23.81 -8.87 20.23
C PRO A 324 -22.75 -7.84 20.63
N SER A 325 -22.13 -8.05 21.79
CA SER A 325 -21.23 -7.03 22.34
C SER A 325 -19.94 -6.86 21.55
N LYS A 326 -19.55 -7.90 20.81
CA LYS A 326 -18.31 -7.87 20.04
C LYS A 326 -18.49 -7.23 18.67
N LEU A 327 -19.72 -6.94 18.28
CA LEU A 327 -20.01 -6.30 17.01
C LEU A 327 -19.77 -4.80 17.14
N ARG A 328 -19.77 -4.32 18.38
CA ARG A 328 -19.63 -2.89 18.65
C ARG A 328 -18.18 -2.47 18.81
N ILE A 329 -17.25 -3.39 18.55
CA ILE A 329 -15.83 -3.10 18.71
C ILE A 329 -15.14 -2.87 17.38
N PRO A 330 -14.53 -1.68 17.21
CA PRO A 330 -13.91 -1.30 15.92
C PRO A 330 -12.80 -2.26 15.51
N PHE A 331 -12.76 -2.61 14.23
CA PHE A 331 -11.73 -3.46 13.65
C PHE A 331 -11.69 -4.87 14.22
N ILE A 332 -12.81 -5.29 14.82
CA ILE A 332 -12.97 -6.66 15.31
C ILE A 332 -13.11 -7.60 14.12
N ILE A 333 -13.64 -7.08 13.00
CA ILE A 333 -13.66 -7.86 11.77
C ILE A 333 -12.52 -7.40 10.88
N ARG A 334 -11.58 -8.30 10.61
CA ARG A 334 -10.45 -8.00 9.74
C ARG A 334 -10.79 -8.42 8.32
N THR A 335 -10.03 -7.91 7.36
CA THR A 335 -10.21 -8.27 5.95
C THR A 335 -9.90 -9.76 5.64
N PRO A 336 -8.87 -10.34 6.29
CA PRO A 336 -8.71 -11.79 6.09
C PRO A 336 -9.93 -12.63 6.49
N HIS A 337 -10.71 -12.16 7.46
CA HIS A 337 -11.96 -12.85 7.78
C HIS A 337 -12.91 -12.75 6.60
N MET A 338 -12.99 -11.55 6.01
CA MET A 338 -13.88 -11.26 4.90
C MET A 338 -13.59 -12.13 3.69
N SER A 339 -12.32 -12.24 3.32
CA SER A 339 -11.93 -12.98 2.11
C SER A 339 -12.20 -14.47 2.22
N ALA A 340 -12.03 -15.02 3.43
CA ALA A 340 -12.32 -16.43 3.68
C ALA A 340 -13.81 -16.70 3.49
N MET A 341 -14.63 -15.82 4.06
CA MET A 341 -16.09 -15.93 3.95
C MET A 341 -16.52 -15.75 2.51
N HIS A 342 -15.86 -14.84 1.82
CA HIS A 342 -16.09 -14.55 0.40
C HIS A 342 -15.82 -15.78 -0.46
N ASN A 343 -14.90 -16.62 -0.01
CA ASN A 343 -14.47 -17.80 -0.75
C ASN A 343 -15.38 -19.01 -0.53
N ASP A 344 -16.29 -18.89 0.42
CA ASP A 344 -17.17 -20.01 0.78
C ASP A 344 -18.13 -20.33 -0.36
N THR A 345 -17.77 -21.36 -1.13
CA THR A 345 -18.73 -22.03 -1.99
C THR A 345 -19.04 -23.34 -1.31
N SER A 346 -20.13 -23.35 -0.55
CA SER A 346 -20.63 -24.57 0.08
C SER A 346 -22.09 -24.34 0.38
N PRO A 347 -22.89 -25.41 0.34
CA PRO A 347 -24.29 -25.27 0.75
C PRO A 347 -24.32 -24.98 2.23
N ASP A 348 -25.32 -24.21 2.68
CA ASP A 348 -25.42 -23.80 4.09
C ASP A 348 -24.25 -22.93 4.57
N LEU A 349 -23.31 -22.66 3.66
CA LEU A 349 -22.19 -21.74 3.88
C LEU A 349 -21.45 -21.93 5.22
N LYS A 350 -20.81 -23.09 5.37
CA LYS A 350 -20.07 -23.46 6.58
C LYS A 350 -19.11 -22.39 7.10
N ILE A 351 -18.27 -21.88 6.20
CA ILE A 351 -17.19 -20.96 6.58
C ILE A 351 -17.70 -19.61 7.07
N VAL A 352 -18.72 -19.09 6.40
CA VAL A 352 -19.33 -17.82 6.81
C VAL A 352 -19.92 -18.01 8.20
N GLY A 353 -20.50 -19.18 8.45
CA GLY A 353 -21.05 -19.51 9.75
C GLY A 353 -20.01 -19.55 10.86
N SER A 354 -18.95 -20.32 10.65
CA SER A 354 -17.91 -20.48 11.67
C SER A 354 -17.06 -19.24 11.90
N LYS A 355 -17.00 -18.35 10.90
CA LYS A 355 -16.28 -17.08 11.04
C LYS A 355 -17.09 -16.06 11.86
N ILE A 356 -18.39 -15.98 11.59
CA ILE A 356 -19.28 -15.11 12.36
C ILE A 356 -19.31 -15.55 13.83
N LYS A 357 -19.45 -16.85 14.06
CA LYS A 357 -19.44 -17.39 15.42
C LYS A 357 -18.12 -17.15 16.15
N ASP A 358 -17.01 -17.56 15.53
CA ASP A 358 -15.68 -17.45 16.14
C ASP A 358 -15.31 -16.02 16.49
N ILE A 359 -15.71 -15.07 15.65
CA ILE A 359 -15.27 -13.68 15.78
C ILE A 359 -16.28 -12.79 16.53
N LEU A 360 -17.58 -12.98 16.28
CA LEU A 360 -18.62 -12.18 16.93
C LEU A 360 -19.24 -12.82 18.18
N GLU A 361 -18.89 -14.07 18.44
CA GLU A 361 -19.47 -14.84 19.55
C GLU A 361 -21.00 -14.92 19.46
N VAL A 362 -21.48 -15.17 18.25
CA VAL A 362 -22.89 -15.44 18.02
C VAL A 362 -23.06 -16.91 17.66
N PRO A 363 -23.80 -17.66 18.49
CA PRO A 363 -24.10 -19.04 18.13
C PRO A 363 -25.25 -19.10 17.13
N THR A 364 -25.13 -19.94 16.11
CA THR A 364 -26.18 -20.15 15.11
C THR A 364 -26.51 -18.93 14.24
N THR A 365 -26.43 -19.14 12.93
CA THR A 365 -26.89 -18.17 11.95
C THR A 365 -27.62 -18.93 10.87
N SER A 366 -28.79 -18.43 10.47
CA SER A 366 -29.54 -19.08 9.40
C SER A 366 -28.78 -18.97 8.09
N LEU A 367 -29.25 -19.68 7.08
CA LEU A 367 -28.66 -19.55 5.75
C LEU A 367 -28.86 -18.12 5.26
N LYS A 368 -30.07 -17.59 5.49
CA LYS A 368 -30.44 -16.22 5.10
C LYS A 368 -29.47 -15.17 5.61
N MET A 369 -28.94 -15.37 6.82
CA MET A 369 -28.02 -14.41 7.41
C MET A 369 -26.65 -14.48 6.78
N ARG A 370 -26.14 -15.69 6.57
CA ARG A 370 -24.83 -15.83 5.95
C ARG A 370 -24.82 -15.54 4.45
N LYS A 371 -25.98 -15.70 3.78
CA LYS A 371 -26.13 -15.27 2.40
C LYS A 371 -25.98 -13.76 2.31
N VAL A 372 -26.56 -13.06 3.29
CA VAL A 372 -26.42 -11.61 3.40
C VAL A 372 -24.96 -11.20 3.63
N VAL A 373 -24.31 -11.87 4.56
CA VAL A 373 -22.90 -11.60 4.86
C VAL A 373 -21.99 -11.82 3.64
N ILE A 374 -22.17 -12.93 2.93
CA ILE A 374 -21.33 -13.19 1.77
C ILE A 374 -21.62 -12.18 0.64
N SER A 375 -22.86 -11.74 0.55
CA SER A 375 -23.24 -10.71 -0.41
C SER A 375 -22.58 -9.38 -0.08
N LEU A 376 -22.58 -9.03 1.21
CA LEU A 376 -21.93 -7.81 1.69
C LEU A 376 -20.44 -7.85 1.41
N CYS A 377 -19.81 -9.00 1.65
CA CYS A 377 -18.39 -9.17 1.39
C CYS A 377 -18.08 -8.87 -0.08
N ASN A 378 -18.90 -9.41 -0.97
CA ASN A 378 -18.71 -9.20 -2.39
C ASN A 378 -18.89 -7.73 -2.80
N ILE A 379 -19.86 -7.07 -2.21
CA ILE A 379 -20.13 -5.66 -2.53
C ILE A 379 -18.93 -4.80 -2.16
N ILE A 380 -18.37 -5.05 -0.98
CA ILE A 380 -17.27 -4.25 -0.46
C ILE A 380 -15.96 -4.51 -1.20
N ALA A 381 -15.65 -5.78 -1.43
CA ALA A 381 -14.43 -6.14 -2.16
C ALA A 381 -14.46 -5.67 -3.61
N THR A 382 -15.61 -5.80 -4.27
CA THR A 382 -15.76 -5.39 -5.67
C THR A 382 -15.56 -3.88 -5.82
N ARG A 383 -16.20 -3.10 -4.96
CA ARG A 383 -16.02 -1.65 -4.99
C ARG A 383 -14.54 -1.27 -4.93
N GLY A 384 -13.83 -1.81 -3.95
CA GLY A 384 -12.42 -1.48 -3.77
C GLY A 384 -11.56 -1.90 -4.94
N ALA A 385 -11.85 -3.08 -5.51
CA ALA A 385 -11.08 -3.58 -6.63
C ALA A 385 -11.32 -2.75 -7.90
N ARG A 386 -12.57 -2.52 -8.22
CA ARG A 386 -12.91 -1.71 -9.38
C ARG A 386 -12.41 -0.26 -9.29
N LEU A 387 -12.42 0.31 -8.09
CA LEU A 387 -11.87 1.65 -7.88
C LEU A 387 -10.35 1.64 -8.03
N SER A 388 -9.72 0.52 -7.68
CA SER A 388 -8.29 0.35 -7.89
C SER A 388 -8.00 0.38 -9.38
N ALA A 389 -8.84 -0.30 -10.16
CA ALA A 389 -8.67 -0.33 -11.61
C ALA A 389 -8.81 1.06 -12.21
N ALA A 390 -9.75 1.85 -11.67
CA ALA A 390 -9.94 3.20 -12.18
C ALA A 390 -8.71 4.05 -11.84
N GLY A 391 -8.10 3.78 -10.69
CA GLY A 391 -6.88 4.45 -10.31
C GLY A 391 -5.77 4.18 -11.31
N ILE A 392 -5.51 2.90 -11.55
CA ILE A 392 -4.48 2.49 -12.52
C ILE A 392 -4.72 3.11 -13.89
N TYR A 393 -5.98 3.09 -14.33
CA TYR A 393 -6.37 3.68 -15.60
C TYR A 393 -6.08 5.18 -15.61
N GLY A 394 -6.23 5.82 -14.46
CA GLY A 394 -5.92 7.24 -14.34
C GLY A 394 -4.46 7.52 -14.58
N ILE A 395 -3.61 6.64 -14.05
CA ILE A 395 -2.16 6.72 -14.25
C ILE A 395 -1.80 6.50 -15.72
N LEU A 396 -2.43 5.50 -16.35
CA LEU A 396 -2.13 5.21 -17.74
C LEU A 396 -2.48 6.39 -18.65
N LYS A 397 -3.59 7.06 -18.34
CA LYS A 397 -3.98 8.24 -19.11
C LYS A 397 -2.98 9.37 -18.91
N LYS A 398 -2.50 9.53 -17.68
CA LYS A 398 -1.46 10.52 -17.41
C LYS A 398 -0.22 10.23 -18.25
N LEU A 399 0.08 8.95 -18.44
CA LEU A 399 1.26 8.54 -19.20
C LEU A 399 1.03 8.57 -20.72
N GLY A 400 -0.19 8.89 -21.13
CA GLY A 400 -0.54 8.91 -22.54
C GLY A 400 -0.70 7.50 -23.08
N ARG A 401 -0.88 6.55 -22.17
CA ARG A 401 -0.90 5.12 -22.49
C ARG A 401 -2.32 4.53 -22.47
N ASP A 402 -3.33 5.38 -22.56
CA ASP A 402 -4.71 4.91 -22.59
C ASP A 402 -5.12 4.39 -23.97
N GLN A 410 4.56 -0.44 -27.55
CA GLN A 410 3.95 0.17 -26.37
C GLN A 410 3.51 -0.88 -25.36
N LYS A 411 4.43 -1.26 -24.48
CA LYS A 411 4.13 -2.25 -23.44
C LYS A 411 4.29 -1.65 -22.04
N SER A 412 3.20 -1.61 -21.29
CA SER A 412 3.21 -1.06 -19.94
C SER A 412 2.96 -2.15 -18.90
N VAL A 413 3.84 -2.23 -17.90
CA VAL A 413 3.65 -3.19 -16.82
C VAL A 413 3.42 -2.47 -15.51
N ILE A 414 2.45 -2.95 -14.73
CA ILE A 414 2.20 -2.43 -13.40
C ILE A 414 2.70 -3.46 -12.38
N ALA A 415 3.68 -3.07 -11.58
CA ALA A 415 4.20 -3.99 -10.55
C ALA A 415 3.32 -3.88 -9.29
N MET A 416 2.71 -4.99 -8.89
CA MET A 416 1.79 -4.99 -7.77
C MET A 416 2.40 -5.61 -6.51
N ASP A 417 1.91 -5.18 -5.35
CA ASP A 417 2.29 -5.78 -4.09
C ASP A 417 1.18 -5.49 -3.07
N GLY A 418 1.17 -6.23 -1.96
CA GLY A 418 0.14 -6.07 -0.95
C GLY A 418 -0.74 -7.31 -0.81
N GLY A 419 -1.27 -7.51 0.39
CA GLY A 419 -2.05 -8.71 0.70
C GLY A 419 -3.31 -8.88 -0.13
N LEU A 420 -4.04 -7.80 -0.34
CA LEU A 420 -5.29 -7.84 -1.12
C LEU A 420 -5.08 -8.38 -2.53
N PHE A 421 -4.00 -7.95 -3.18
CA PHE A 421 -3.74 -8.39 -4.54
C PHE A 421 -3.16 -9.80 -4.57
N GLU A 422 -2.35 -10.15 -3.58
CA GLU A 422 -1.71 -11.46 -3.57
C GLU A 422 -2.56 -12.58 -3.02
N HIS A 423 -3.41 -12.27 -2.04
CA HIS A 423 -4.10 -13.33 -1.28
C HIS A 423 -5.62 -13.18 -1.21
N TYR A 424 -6.19 -12.39 -2.11
CA TYR A 424 -7.64 -12.24 -2.14
C TYR A 424 -8.09 -12.37 -3.60
N THR A 425 -8.36 -13.62 -4.00
CA THR A 425 -8.67 -13.97 -5.38
C THR A 425 -9.75 -13.11 -6.03
N GLN A 426 -10.89 -12.99 -5.36
CA GLN A 426 -11.99 -12.19 -5.87
C GLN A 426 -11.56 -10.76 -6.13
N PHE A 427 -10.79 -10.20 -5.21
CA PHE A 427 -10.34 -8.81 -5.32
C PHE A 427 -9.45 -8.62 -6.53
N SER A 428 -8.38 -9.39 -6.61
CA SER A 428 -7.38 -9.21 -7.65
C SER A 428 -7.93 -9.54 -9.04
N GLU A 429 -8.87 -10.47 -9.10
CA GLU A 429 -9.48 -10.84 -10.38
C GLU A 429 -10.48 -9.81 -10.86
N CYS A 430 -11.23 -9.23 -9.93
CA CYS A 430 -12.17 -8.17 -10.28
C CYS A 430 -11.42 -6.92 -10.78
N MET A 431 -10.31 -6.59 -10.12
CA MET A 431 -9.48 -5.46 -10.53
C MET A 431 -8.94 -5.61 -11.95
N GLU A 432 -8.42 -6.79 -12.26
CA GLU A 432 -7.87 -7.04 -13.60
C GLU A 432 -8.94 -7.00 -14.69
N SER A 433 -10.09 -7.60 -14.41
CA SER A 433 -11.22 -7.58 -15.35
C SER A 433 -11.67 -6.16 -15.68
N SER A 434 -11.81 -5.33 -14.65
CA SER A 434 -12.31 -3.98 -14.82
C SER A 434 -11.31 -3.01 -15.45
N LEU A 435 -10.02 -3.24 -15.21
CA LEU A 435 -8.98 -2.47 -15.91
C LEU A 435 -9.08 -2.81 -17.40
N LYS A 436 -9.23 -4.10 -17.70
CA LYS A 436 -9.38 -4.57 -19.07
C LYS A 436 -10.55 -3.88 -19.77
N GLU A 437 -11.70 -3.86 -19.11
CA GLU A 437 -12.89 -3.21 -19.68
C GLU A 437 -12.65 -1.71 -19.87
N LEU A 438 -11.98 -1.09 -18.92
CA LEU A 438 -11.64 0.33 -19.02
C LEU A 438 -10.72 0.58 -20.22
N LEU A 439 -9.68 -0.23 -20.35
CA LEU A 439 -8.75 -0.11 -21.47
C LEU A 439 -9.45 -0.28 -22.82
N GLY A 440 -10.17 -1.39 -22.98
CA GLY A 440 -10.87 -1.67 -24.23
C GLY A 440 -10.03 -2.46 -25.21
N ASP A 441 -10.67 -3.02 -26.24
CA ASP A 441 -10.03 -3.86 -27.25
C ASP A 441 -8.70 -3.30 -27.78
N GLU A 442 -8.67 -2.00 -28.05
CA GLU A 442 -7.45 -1.34 -28.53
C GLU A 442 -6.31 -1.43 -27.52
N ALA A 443 -6.48 -0.76 -26.38
CA ALA A 443 -5.45 -0.68 -25.36
C ALA A 443 -5.19 -2.00 -24.64
N SER A 444 -6.25 -2.63 -24.12
CA SER A 444 -6.12 -3.93 -23.46
C SER A 444 -5.48 -4.94 -24.40
N GLY A 445 -4.26 -5.34 -24.06
CA GLY A 445 -3.41 -6.09 -24.96
C GLY A 445 -2.12 -5.31 -25.13
N SER A 446 -1.81 -4.51 -24.10
CA SER A 446 -0.60 -3.69 -24.09
C SER A 446 -0.32 -3.24 -22.65
N VAL A 447 -1.25 -3.58 -21.76
CA VAL A 447 -1.07 -3.37 -20.32
C VAL A 447 -1.05 -4.72 -19.59
N GLU A 448 -0.01 -4.94 -18.79
CA GLU A 448 0.11 -6.16 -17.99
C GLU A 448 0.25 -5.82 -16.52
N VAL A 449 -0.58 -6.47 -15.69
CA VAL A 449 -0.51 -6.33 -14.25
C VAL A 449 0.22 -7.57 -13.72
N THR A 450 1.36 -7.37 -13.04
CA THR A 450 2.18 -8.48 -12.58
C THR A 450 2.74 -8.31 -11.16
N HIS A 451 2.92 -9.43 -10.45
CA HIS A 451 3.58 -9.39 -9.14
C HIS A 451 4.97 -10.03 -9.17
N SER A 452 5.97 -9.26 -8.73
CA SER A 452 7.37 -9.70 -8.55
C SER A 452 7.90 -10.65 -9.62
N GLY A 457 11.50 -3.01 -0.74
CA GLY A 457 12.24 -4.05 -0.04
C GLY A 457 13.59 -4.31 -0.72
N ILE A 458 13.62 -5.31 -1.60
CA ILE A 458 14.76 -5.48 -2.50
C ILE A 458 14.96 -4.20 -3.29
N GLY A 459 13.85 -3.55 -3.63
CA GLY A 459 13.86 -2.30 -4.36
C GLY A 459 14.73 -1.24 -3.70
N ALA A 460 14.59 -1.10 -2.38
CA ALA A 460 15.36 -0.08 -1.65
C ALA A 460 16.85 -0.42 -1.65
N ALA A 461 17.15 -1.71 -1.64
CA ALA A 461 18.53 -2.17 -1.69
C ALA A 461 19.13 -1.96 -3.08
N LEU A 462 18.33 -2.21 -4.11
CA LEU A 462 18.78 -2.00 -5.48
C LEU A 462 19.13 -0.52 -5.67
N LEU A 463 18.33 0.36 -5.08
CA LEU A 463 18.58 1.80 -5.16
C LEU A 463 19.81 2.20 -4.36
N ALA A 464 20.06 1.50 -3.25
CA ALA A 464 21.29 1.70 -2.50
C ALA A 464 22.47 1.24 -3.34
N ALA A 465 22.28 0.14 -4.07
CA ALA A 465 23.36 -0.45 -4.87
C ALA A 465 23.89 0.50 -5.94
N SER A 466 23.00 1.30 -6.52
CA SER A 466 23.40 2.30 -7.51
C SER A 466 24.19 3.44 -6.87
N HIS A 467 24.07 3.59 -5.55
CA HIS A 467 24.76 4.65 -4.82
C HIS A 467 25.79 4.13 -3.82
N SER A 468 26.46 3.03 -4.17
CA SER A 468 27.44 2.42 -3.28
C SER A 468 28.83 3.04 -3.41
N LEU A 469 29.54 3.14 -2.30
CA LEU A 469 30.91 3.65 -2.30
C LEU A 469 31.90 2.53 -2.57
N TYR A 470 31.39 1.36 -2.97
CA TYR A 470 32.26 0.19 -3.18
C TYR A 470 32.03 -0.45 -4.54
N LEU A 471 33.05 -1.14 -5.05
CA LEU A 471 32.96 -1.85 -6.32
C LEU A 471 33.28 -3.35 -6.17
N GLU A 472 32.90 -4.13 -7.17
CA GLU A 472 33.20 -5.57 -7.17
C GLU A 472 33.46 -6.07 -8.59
C2 BGC B . 0.70 5.38 3.14
C3 BGC B . 1.59 5.26 1.93
C4 BGC B . 1.84 3.80 1.57
C5 BGC B . 0.55 3.00 1.55
C6 BGC B . 0.76 1.51 1.32
C1 BGC B . -0.56 4.56 2.91
O1 BGC B . -1.40 4.69 4.03
O2 BGC B . 0.35 6.73 3.35
O3 BGC B . 2.81 5.94 2.15
O4 BGC B . 2.45 3.77 0.30
O5 BGC B . -0.20 3.20 2.74
O6 BGC B . 1.61 0.94 2.30
#